data_5UI6
#
_entry.id   5UI6
#
_entity_poly.entity_id   1
_entity_poly.type   'polypeptide(L)'
_entity_poly.pdbx_seq_one_letter_code
;GGKGPIFETWVTEGNYYG
;
_entity_poly.pdbx_strand_id   A
#
# COMPACT_ATOMS: atom_id res chain seq x y z
N GLY A 1 1.43 2.98 1.04
CA GLY A 1 2.55 3.83 1.41
C GLY A 1 3.08 3.51 2.80
N GLY A 2 3.74 2.37 2.93
CA GLY A 2 4.29 1.97 4.22
C GLY A 2 4.65 0.50 4.27
N LYS A 3 3.83 -0.28 4.96
CA LYS A 3 4.06 -1.71 5.08
C LYS A 3 2.89 -2.40 5.77
N GLY A 4 2.35 -3.43 5.13
CA GLY A 4 1.23 -4.15 5.69
C GLY A 4 0.61 -5.13 4.71
N PRO A 5 -0.55 -5.68 5.08
CA PRO A 5 -1.28 -6.65 4.23
C PRO A 5 -1.86 -6.00 2.98
N ILE A 6 -2.43 -4.81 3.14
CA ILE A 6 -3.02 -4.10 2.02
C ILE A 6 -1.96 -3.32 1.25
N PHE A 7 -2.01 -3.42 -0.08
CA PHE A 7 -1.05 -2.73 -0.93
C PHE A 7 -1.54 -1.31 -1.24
N GLU A 8 -2.66 -0.93 -0.65
CA GLU A 8 -3.22 0.40 -0.86
C GLU A 8 -3.81 0.52 -2.26
N THR A 9 -5.07 0.97 -2.33
CA THR A 9 -5.74 1.13 -3.61
C THR A 9 -5.93 2.61 -3.95
N TRP A 10 -4.83 3.29 -4.22
CA TRP A 10 -4.88 4.71 -4.57
C TRP A 10 -3.50 5.22 -4.97
N VAL A 11 -2.46 4.67 -4.33
CA VAL A 11 -1.09 5.08 -4.62
C VAL A 11 -0.62 4.48 -5.94
N THR A 12 -1.11 3.29 -6.27
CA THR A 12 -0.73 2.61 -7.50
C THR A 12 0.74 2.83 -7.83
N GLU A 13 1.58 2.76 -6.81
CA GLU A 13 3.02 2.96 -6.98
C GLU A 13 3.79 1.72 -6.54
N GLY A 14 3.31 1.07 -5.47
CA GLY A 14 3.97 -0.12 -4.96
C GLY A 14 4.31 -0.01 -3.50
N ASN A 15 3.27 0.03 -2.66
CA ASN A 15 3.47 0.12 -1.22
C ASN A 15 2.31 -0.54 -0.47
N TYR A 16 2.33 -0.43 0.85
CA TYR A 16 1.29 -1.03 1.69
C TYR A 16 0.91 -0.09 2.83
N TYR A 17 0.02 -0.56 3.70
CA TYR A 17 -0.43 0.23 4.83
C TYR A 17 -1.29 -0.61 5.78
N GLY A 18 -2.08 -1.52 5.20
CA GLY A 18 -2.93 -2.37 6.00
C GLY A 18 -4.31 -1.77 6.23
N GLY A 1 1.41 2.96 1.05
CA GLY A 1 2.53 3.82 1.42
C GLY A 1 3.06 3.50 2.81
N GLY A 2 3.73 2.36 2.94
CA GLY A 2 4.28 1.97 4.23
C GLY A 2 4.65 0.50 4.27
N LYS A 3 3.84 -0.30 4.95
CA LYS A 3 4.08 -1.73 5.07
C LYS A 3 2.91 -2.43 5.76
N GLY A 4 2.38 -3.45 5.11
CA GLY A 4 1.26 -4.19 5.67
C GLY A 4 0.65 -5.17 4.69
N PRO A 5 -0.51 -5.73 5.04
CA PRO A 5 -1.22 -6.70 4.20
C PRO A 5 -1.80 -6.05 2.94
N ILE A 6 -2.39 -4.87 3.11
CA ILE A 6 -2.99 -4.15 1.99
C ILE A 6 -1.93 -3.36 1.23
N PHE A 7 -1.98 -3.46 -0.10
CA PHE A 7 -1.03 -2.75 -0.95
C PHE A 7 -1.52 -1.34 -1.25
N GLU A 8 -2.65 -0.97 -0.66
CA GLU A 8 -3.22 0.36 -0.87
C GLU A 8 -3.81 0.48 -2.27
N THR A 9 -5.07 0.92 -2.33
CA THR A 9 -5.76 1.08 -3.61
C THR A 9 -5.95 2.56 -3.94
N TRP A 10 -4.85 3.25 -4.21
CA TRP A 10 -4.91 4.67 -4.55
C TRP A 10 -3.53 5.19 -4.95
N VAL A 11 -2.49 4.65 -4.31
CA VAL A 11 -1.12 5.06 -4.61
C VAL A 11 -0.65 4.48 -5.93
N THR A 12 -1.12 3.28 -6.25
CA THR A 12 -0.74 2.61 -7.49
C THR A 12 0.72 2.84 -7.82
N GLU A 13 1.57 2.78 -6.79
CA GLU A 13 3.00 2.98 -6.97
C GLU A 13 3.79 1.75 -6.54
N GLY A 14 3.31 1.10 -5.47
CA GLY A 14 3.98 -0.09 -4.98
C GLY A 14 4.31 0.01 -3.51
N ASN A 15 3.28 0.03 -2.66
CA ASN A 15 3.47 0.12 -1.22
C ASN A 15 2.32 -0.55 -0.48
N TYR A 16 2.33 -0.44 0.85
CA TYR A 16 1.31 -1.05 1.68
C TYR A 16 0.91 -0.12 2.82
N TYR A 17 0.03 -0.60 3.69
CA TYR A 17 -0.43 0.18 4.83
C TYR A 17 -1.28 -0.68 5.77
N GLY A 18 -2.06 -1.58 5.20
CA GLY A 18 -2.91 -2.44 5.99
C GLY A 18 -4.28 -1.85 6.21
N GLY A 1 1.38 3.04 1.10
CA GLY A 1 2.47 3.90 1.49
C GLY A 1 2.98 3.61 2.89
N GLY A 2 3.67 2.48 3.05
CA GLY A 2 4.19 2.11 4.35
C GLY A 2 4.60 0.65 4.41
N LYS A 3 3.78 -0.16 5.09
CA LYS A 3 4.05 -1.58 5.23
C LYS A 3 2.87 -2.29 5.90
N GLY A 4 2.36 -3.32 5.25
CA GLY A 4 1.25 -4.08 5.79
C GLY A 4 0.68 -5.08 4.81
N PRO A 5 -0.48 -5.65 5.15
CA PRO A 5 -1.16 -6.63 4.30
C PRO A 5 -1.73 -6.02 3.04
N ILE A 6 -2.35 -4.84 3.18
CA ILE A 6 -2.93 -4.14 2.05
C ILE A 6 -1.87 -3.34 1.28
N PHE A 7 -1.89 -3.46 -0.04
CA PHE A 7 -0.93 -2.74 -0.88
C PHE A 7 -1.44 -1.34 -1.20
N GLU A 8 -2.59 -0.98 -0.63
CA GLU A 8 -3.17 0.33 -0.87
C GLU A 8 -3.75 0.43 -2.27
N THR A 9 -5.00 0.84 -2.37
CA THR A 9 -5.67 0.98 -3.66
C THR A 9 -5.89 2.45 -4.02
N TRP A 10 -4.80 3.15 -4.29
CA TRP A 10 -4.87 4.57 -4.63
C TRP A 10 -3.50 5.11 -5.01
N VAL A 11 -2.46 4.59 -4.35
CA VAL A 11 -1.10 5.02 -4.63
C VAL A 11 -0.59 4.43 -5.93
N THR A 12 -1.04 3.22 -6.25
CA THR A 12 -0.63 2.54 -7.47
C THR A 12 0.85 2.80 -7.78
N GLU A 13 1.67 2.76 -6.74
CA GLU A 13 3.11 2.99 -6.89
C GLU A 13 3.91 1.77 -6.43
N GLY A 14 3.42 1.13 -5.36
CA GLY A 14 4.10 -0.04 -4.84
C GLY A 14 4.41 0.08 -3.36
N ASN A 15 3.37 0.09 -2.54
CA ASN A 15 3.52 0.20 -1.10
C ASN A 15 2.37 -0.49 -0.37
N TYR A 16 2.36 -0.37 0.95
CA TYR A 16 1.32 -0.97 1.77
C TYR A 16 0.89 -0.04 2.90
N TYR A 17 0.00 -0.53 3.76
CA TYR A 17 -0.49 0.26 4.88
C TYR A 17 -1.34 -0.60 5.81
N GLY A 18 -2.10 -1.52 5.23
CA GLY A 18 -2.95 -2.39 6.01
C GLY A 18 -4.34 -1.82 6.22
N GLY A 1 1.51 3.02 0.88
CA GLY A 1 2.63 3.89 1.22
C GLY A 1 3.21 3.59 2.60
N GLY A 2 3.90 2.46 2.70
CA GLY A 2 4.49 2.08 3.97
C GLY A 2 4.89 0.61 4.00
N LYS A 3 4.10 -0.19 4.72
CA LYS A 3 4.38 -1.63 4.83
C LYS A 3 3.24 -2.33 5.57
N GLY A 4 2.69 -3.36 4.93
CA GLY A 4 1.61 -4.12 5.54
C GLY A 4 0.98 -5.11 4.57
N PRO A 5 -0.16 -5.68 4.98
CA PRO A 5 -0.89 -6.66 4.15
C PRO A 5 -1.52 -6.03 2.92
N ILE A 6 -2.12 -4.85 3.10
CA ILE A 6 -2.77 -4.14 2.01
C ILE A 6 -1.75 -3.35 1.20
N PHE A 7 -1.84 -3.45 -0.12
CA PHE A 7 -0.92 -2.73 -1.01
C PHE A 7 -1.44 -1.33 -1.30
N GLU A 8 -2.55 -0.97 -0.66
CA GLU A 8 -3.15 0.35 -0.86
C GLU A 8 -3.79 0.46 -2.24
N THR A 9 -5.05 0.88 -2.27
CA THR A 9 -5.79 1.02 -3.51
C THR A 9 -6.02 2.49 -3.85
N TRP A 10 -4.94 3.21 -4.16
CA TRP A 10 -5.03 4.62 -4.50
C TRP A 10 -3.67 5.16 -4.95
N VAL A 11 -2.60 4.63 -4.35
CA VAL A 11 -1.25 5.06 -4.68
C VAL A 11 -0.81 4.48 -6.02
N THR A 12 -1.29 3.27 -6.32
CA THR A 12 -0.94 2.61 -7.58
C THR A 12 0.51 2.86 -7.95
N GLU A 13 1.40 2.81 -6.96
CA GLU A 13 2.82 3.04 -7.19
C GLU A 13 3.64 1.81 -6.77
N GLY A 14 3.21 1.17 -5.69
CA GLY A 14 3.92 -0.01 -5.21
C GLY A 14 4.30 0.10 -3.75
N ASN A 15 3.29 0.10 -2.87
CA ASN A 15 3.53 0.20 -1.44
C ASN A 15 2.41 -0.49 -0.66
N TYR A 16 2.48 -0.38 0.67
CA TYR A 16 1.48 -0.99 1.53
C TYR A 16 1.11 -0.06 2.69
N TYR A 17 0.27 -0.55 3.58
CA TYR A 17 -0.17 0.23 4.74
C TYR A 17 -0.98 -0.63 5.71
N GLY A 18 -1.76 -1.55 5.16
CA GLY A 18 -2.57 -2.42 5.99
C GLY A 18 -3.95 -1.85 6.26
N GLY A 1 1.37 2.98 1.17
CA GLY A 1 2.46 3.85 1.57
C GLY A 1 2.95 3.55 2.97
N GLY A 2 3.63 2.42 3.13
CA GLY A 2 4.15 2.04 4.43
C GLY A 2 4.54 0.57 4.49
N LYS A 3 3.71 -0.23 5.16
CA LYS A 3 3.97 -1.66 5.29
C LYS A 3 2.79 -2.36 5.95
N GLY A 4 2.28 -3.40 5.29
CA GLY A 4 1.17 -4.14 5.83
C GLY A 4 0.60 -5.14 4.84
N PRO A 5 -0.58 -5.71 5.16
CA PRO A 5 -1.25 -6.69 4.30
C PRO A 5 -1.80 -6.06 3.02
N ILE A 6 -2.40 -4.89 3.17
CA ILE A 6 -2.98 -4.18 2.02
C ILE A 6 -1.91 -3.38 1.28
N PHE A 7 -1.91 -3.49 -0.03
CA PHE A 7 -0.95 -2.78 -0.86
C PHE A 7 -1.44 -1.37 -1.20
N GLU A 8 -2.59 -1.01 -0.63
CA GLU A 8 -3.17 0.30 -0.87
C GLU A 8 -3.72 0.41 -2.29
N THR A 9 -4.98 0.84 -2.40
CA THR A 9 -5.63 0.99 -3.69
C THR A 9 -5.83 2.45 -4.04
N TRP A 10 -4.74 3.16 -4.28
CA TRP A 10 -4.80 4.57 -4.64
C TRP A 10 -3.42 5.11 -5.00
N VAL A 11 -2.40 4.59 -4.33
CA VAL A 11 -1.02 5.01 -4.57
C VAL A 11 -0.49 4.43 -5.88
N THR A 12 -0.96 3.22 -6.21
CA THR A 12 -0.53 2.55 -7.44
C THR A 12 0.95 2.80 -7.72
N GLU A 13 1.76 2.75 -6.66
CA GLU A 13 3.20 2.98 -6.80
C GLU A 13 3.98 1.76 -6.33
N GLY A 14 3.48 1.10 -5.29
CA GLY A 14 4.16 -0.07 -4.76
C GLY A 14 4.44 0.05 -3.28
N ASN A 15 3.38 0.05 -2.47
CA ASN A 15 3.52 0.15 -1.03
C ASN A 15 2.37 -0.53 -0.31
N TYR A 16 2.34 -0.42 1.01
CA TYR A 16 1.29 -1.03 1.82
C TYR A 16 0.85 -0.10 2.95
N TYR A 17 -0.05 -0.59 3.78
CA TYR A 17 -0.55 0.20 4.91
C TYR A 17 -1.42 -0.65 5.83
N GLY A 18 -2.17 -1.57 5.23
CA GLY A 18 -3.03 -2.44 6.01
C GLY A 18 -4.43 -1.87 6.18
N GLY A 1 1.40 3.02 1.00
CA GLY A 1 2.51 3.89 1.38
C GLY A 1 3.05 3.59 2.76
N GLY A 2 3.73 2.46 2.90
CA GLY A 2 4.28 2.08 4.19
C GLY A 2 4.67 0.61 4.24
N LYS A 3 3.87 -0.19 4.93
CA LYS A 3 4.13 -1.62 5.04
C LYS A 3 2.97 -2.33 5.73
N GLY A 4 2.44 -3.36 5.10
CA GLY A 4 1.35 -4.11 5.67
C GLY A 4 0.75 -5.10 4.69
N PRO A 5 -0.41 -5.67 5.06
CA PRO A 5 -1.11 -6.65 4.21
C PRO A 5 -1.71 -6.02 2.95
N ILE A 6 -2.31 -4.84 3.12
CA ILE A 6 -2.92 -4.14 2.00
C ILE A 6 -1.87 -3.34 1.22
N PHE A 7 -1.91 -3.44 -0.10
CA PHE A 7 -0.97 -2.73 -0.95
C PHE A 7 -1.48 -1.32 -1.26
N GLU A 8 -2.61 -0.97 -0.67
CA GLU A 8 -3.20 0.36 -0.88
C GLU A 8 -3.80 0.46 -2.29
N THR A 9 -5.05 0.89 -2.35
CA THR A 9 -5.75 1.03 -3.62
C THR A 9 -5.96 2.50 -3.97
N TRP A 10 -4.88 3.20 -4.25
CA TRP A 10 -4.95 4.62 -4.59
C TRP A 10 -3.58 5.16 -5.00
N VAL A 11 -2.53 4.63 -4.36
CA VAL A 11 -1.16 5.06 -4.65
C VAL A 11 -0.68 4.47 -5.97
N THR A 12 -1.15 3.26 -6.29
CA THR A 12 -0.76 2.59 -7.53
C THR A 12 0.71 2.85 -7.85
N GLU A 13 1.56 2.80 -6.82
CA GLU A 13 2.98 3.03 -7.01
C GLU A 13 3.79 1.81 -6.57
N GLY A 14 3.33 1.15 -5.51
CA GLY A 14 4.01 -0.02 -5.00
C GLY A 14 4.34 0.10 -3.53
N ASN A 15 3.31 0.08 -2.69
CA ASN A 15 3.50 0.20 -1.24
C ASN A 15 2.36 -0.49 -0.50
N TYR A 16 2.37 -0.38 0.83
CA TYR A 16 1.34 -0.99 1.66
C TYR A 16 0.94 -0.06 2.80
N TYR A 17 0.07 -0.56 3.67
CA TYR A 17 -0.40 0.23 4.81
C TYR A 17 -1.24 -0.62 5.75
N GLY A 18 -2.01 -1.54 5.18
CA GLY A 18 -2.85 -2.41 5.98
C GLY A 18 -4.23 -1.82 6.21
N GLY A 1 1.44 3.01 0.96
CA GLY A 1 2.56 3.86 1.31
C GLY A 1 3.10 3.56 2.70
N GLY A 2 3.79 2.42 2.82
CA GLY A 2 4.36 2.04 4.10
C GLY A 2 4.74 0.57 4.14
N LYS A 3 3.94 -0.23 4.84
CA LYS A 3 4.20 -1.66 4.96
C LYS A 3 3.05 -2.37 5.66
N GLY A 4 2.51 -3.39 5.02
CA GLY A 4 1.41 -4.14 5.60
C GLY A 4 0.79 -5.12 4.63
N PRO A 5 -0.37 -5.69 5.01
CA PRO A 5 -1.08 -6.67 4.18
C PRO A 5 -1.68 -6.03 2.92
N ILE A 6 -2.28 -4.86 3.09
CA ILE A 6 -2.90 -4.14 1.98
C ILE A 6 -1.86 -3.34 1.19
N PHE A 7 -1.92 -3.44 -0.12
CA PHE A 7 -0.98 -2.74 -0.99
C PHE A 7 -1.49 -1.32 -1.29
N GLU A 8 -2.61 -0.96 -0.69
CA GLU A 8 -3.20 0.35 -0.89
C GLU A 8 -3.80 0.47 -2.29
N THR A 9 -5.07 0.90 -2.33
CA THR A 9 -5.78 1.05 -3.60
C THR A 9 -5.98 2.52 -3.94
N TRP A 10 -4.90 3.22 -4.23
CA TRP A 10 -4.97 4.63 -4.57
C TRP A 10 -3.60 5.17 -4.99
N VAL A 11 -2.55 4.64 -4.37
CA VAL A 11 -1.19 5.06 -4.68
C VAL A 11 -0.72 4.48 -6.01
N THR A 12 -1.19 3.26 -6.32
CA THR A 12 -0.83 2.61 -7.56
C THR A 12 0.63 2.85 -7.91
N GLU A 13 1.49 2.80 -6.89
CA GLU A 13 2.92 3.01 -7.09
C GLU A 13 3.73 1.80 -6.65
N GLY A 14 3.27 1.14 -5.59
CA GLY A 14 3.96 -0.04 -5.09
C GLY A 14 4.31 0.07 -3.62
N ASN A 15 3.29 0.07 -2.77
CA ASN A 15 3.49 0.18 -1.33
C ASN A 15 2.36 -0.51 -0.57
N TYR A 16 2.39 -0.40 0.75
CA TYR A 16 1.37 -1.00 1.59
C TYR A 16 0.99 -0.07 2.74
N TYR A 17 0.12 -0.57 3.62
CA TYR A 17 -0.33 0.22 4.78
C TYR A 17 -1.16 -0.63 5.72
N GLY A 18 -1.94 -1.54 5.16
CA GLY A 18 -2.78 -2.41 5.97
C GLY A 18 -4.15 -1.84 6.21
N GLY A 1 1.40 3.00 1.03
CA GLY A 1 2.51 3.87 1.40
C GLY A 1 3.04 3.55 2.78
N GLY A 2 3.73 2.43 2.91
CA GLY A 2 4.29 2.04 4.20
C GLY A 2 4.67 0.58 4.24
N LYS A 3 3.86 -0.23 4.93
CA LYS A 3 4.12 -1.66 5.04
C LYS A 3 2.97 -2.37 5.74
N GLY A 4 2.44 -3.40 5.09
CA GLY A 4 1.33 -4.14 5.66
C GLY A 4 0.73 -5.14 4.68
N PRO A 5 -0.42 -5.70 5.04
CA PRO A 5 -1.13 -6.68 4.20
C PRO A 5 -1.72 -6.04 2.94
N ILE A 6 -2.32 -4.87 3.11
CA ILE A 6 -2.92 -4.16 1.98
C ILE A 6 -1.88 -3.36 1.22
N PHE A 7 -1.93 -3.46 -0.11
CA PHE A 7 -0.98 -2.74 -0.96
C PHE A 7 -1.48 -1.33 -1.27
N GLU A 8 -2.62 -0.98 -0.67
CA GLU A 8 -3.21 0.34 -0.88
C GLU A 8 -3.81 0.45 -2.28
N THR A 9 -5.06 0.88 -2.35
CA THR A 9 -5.75 1.03 -3.62
C THR A 9 -5.96 2.51 -3.97
N TRP A 10 -4.88 3.21 -4.23
CA TRP A 10 -4.95 4.63 -4.57
C TRP A 10 -3.57 5.16 -4.98
N VAL A 11 -2.53 4.63 -4.35
CA VAL A 11 -1.17 5.06 -4.63
C VAL A 11 -0.68 4.47 -5.96
N THR A 12 -1.15 3.27 -6.27
CA THR A 12 -0.76 2.60 -7.51
C THR A 12 0.71 2.86 -7.83
N GLU A 13 1.55 2.81 -6.82
CA GLU A 13 2.99 3.03 -7.00
C GLU A 13 3.79 1.81 -6.56
N GLY A 14 3.33 1.16 -5.49
CA GLY A 14 4.02 -0.02 -4.99
C GLY A 14 4.34 0.09 -3.52
N ASN A 15 3.31 0.07 -2.68
CA ASN A 15 3.50 0.17 -1.24
C ASN A 15 2.35 -0.51 -0.49
N TYR A 16 2.37 -0.41 0.83
CA TYR A 16 1.34 -1.02 1.66
C TYR A 16 0.93 -0.09 2.80
N TYR A 17 0.05 -0.58 3.67
CA TYR A 17 -0.40 0.20 4.81
C TYR A 17 -1.25 -0.66 5.75
N GLY A 18 -2.02 -1.57 5.18
CA GLY A 18 -2.86 -2.45 5.98
C GLY A 18 -4.24 -1.85 6.20
N GLY A 1 1.43 2.95 1.14
CA GLY A 1 2.52 3.80 1.53
C GLY A 1 3.03 3.50 2.94
N GLY A 2 3.70 2.36 3.09
CA GLY A 2 4.21 1.97 4.39
C GLY A 2 4.58 0.51 4.45
N LYS A 3 3.75 -0.28 5.12
CA LYS A 3 3.98 -1.71 5.26
C LYS A 3 2.80 -2.40 5.92
N GLY A 4 2.28 -3.44 5.26
CA GLY A 4 1.16 -4.16 5.81
C GLY A 4 0.57 -5.15 4.82
N PRO A 5 -0.61 -5.70 5.16
CA PRO A 5 -1.30 -6.68 4.31
C PRO A 5 -1.85 -6.04 3.04
N ILE A 6 -2.44 -4.86 3.18
CA ILE A 6 -3.01 -4.15 2.05
C ILE A 6 -1.94 -3.37 1.29
N PHE A 7 -1.96 -3.48 -0.03
CA PHE A 7 -0.99 -2.78 -0.87
C PHE A 7 -1.46 -1.37 -1.19
N GLU A 8 -2.61 -0.99 -0.63
CA GLU A 8 -3.18 0.33 -0.86
C GLU A 8 -3.74 0.45 -2.28
N THR A 9 -4.99 0.88 -2.37
CA THR A 9 -5.65 1.04 -3.66
C THR A 9 -5.83 2.50 -4.02
N TRP A 10 -4.73 3.20 -4.27
CA TRP A 10 -4.77 4.62 -4.61
C TRP A 10 -3.39 5.13 -4.99
N VAL A 11 -2.37 4.60 -4.33
CA VAL A 11 -0.99 5.00 -4.60
C VAL A 11 -0.48 4.40 -5.90
N THR A 12 -0.96 3.21 -6.22
CA THR A 12 -0.55 2.52 -7.44
C THR A 12 0.93 2.76 -7.73
N GLU A 13 1.76 2.70 -6.69
CA GLU A 13 3.19 2.91 -6.84
C GLU A 13 3.96 1.67 -6.37
N GLY A 14 3.47 1.04 -5.33
CA GLY A 14 4.12 -0.15 -4.80
C GLY A 14 4.42 -0.04 -3.32
N ASN A 15 3.37 -0.02 -2.50
CA ASN A 15 3.52 0.09 -1.06
C ASN A 15 2.36 -0.58 -0.34
N TYR A 16 2.35 -0.47 0.98
CA TYR A 16 1.29 -1.06 1.80
C TYR A 16 0.88 -0.13 2.93
N TYR A 17 -0.03 -0.59 3.77
CA TYR A 17 -0.51 0.20 4.90
C TYR A 17 -1.39 -0.64 5.83
N GLY A 18 -2.15 -1.55 5.24
CA GLY A 18 -3.03 -2.40 6.02
C GLY A 18 -4.40 -1.80 6.22
N GLY A 1 1.43 2.94 1.13
CA GLY A 1 2.54 3.77 1.52
C GLY A 1 3.04 3.44 2.93
N GLY A 2 3.71 2.30 3.06
CA GLY A 2 4.22 1.89 4.36
C GLY A 2 4.57 0.42 4.41
N LYS A 3 3.73 -0.36 5.09
CA LYS A 3 3.95 -1.80 5.21
C LYS A 3 2.75 -2.48 5.88
N GLY A 4 2.21 -3.50 5.21
CA GLY A 4 1.07 -4.21 5.75
C GLY A 4 0.48 -5.18 4.76
N PRO A 5 -0.70 -5.73 5.10
CA PRO A 5 -1.41 -6.68 4.24
C PRO A 5 -1.96 -6.03 2.98
N ILE A 6 -2.54 -4.85 3.14
CA ILE A 6 -3.10 -4.11 2.01
C ILE A 6 -2.03 -3.34 1.26
N PHE A 7 -2.05 -3.44 -0.07
CA PHE A 7 -1.07 -2.75 -0.91
C PHE A 7 -1.53 -1.33 -1.21
N GLU A 8 -2.67 -0.93 -0.64
CA GLU A 8 -3.21 0.39 -0.86
C GLU A 8 -3.78 0.52 -2.27
N THR A 9 -5.04 0.97 -2.35
CA THR A 9 -5.70 1.14 -3.64
C THR A 9 -5.88 2.62 -3.98
N TRP A 10 -4.76 3.30 -4.24
CA TRP A 10 -4.80 4.72 -4.58
C TRP A 10 -3.40 5.21 -4.96
N VAL A 11 -2.38 4.67 -4.31
CA VAL A 11 -1.01 5.05 -4.59
C VAL A 11 -0.51 4.46 -5.89
N THR A 12 -1.00 3.27 -6.22
CA THR A 12 -0.62 2.59 -7.45
C THR A 12 0.86 2.80 -7.76
N GLU A 13 1.69 2.73 -6.71
CA GLU A 13 3.13 2.92 -6.87
C GLU A 13 3.89 1.67 -6.42
N GLY A 14 3.40 1.04 -5.37
CA GLY A 14 4.05 -0.16 -4.85
C GLY A 14 4.36 -0.07 -3.37
N ASN A 15 3.30 -0.04 -2.55
CA ASN A 15 3.48 0.06 -1.11
C ASN A 15 2.31 -0.60 -0.38
N TYR A 16 2.30 -0.49 0.95
CA TYR A 16 1.24 -1.08 1.76
C TYR A 16 0.85 -0.15 2.90
N TYR A 17 -0.05 -0.61 3.75
CA TYR A 17 -0.52 0.19 4.89
C TYR A 17 -1.40 -0.66 5.81
N GLY A 18 -2.19 -1.55 5.22
CA GLY A 18 -3.06 -2.39 6.00
C GLY A 18 -4.43 -1.79 6.20
#